data_1O6L
#
_entry.id   1O6L
#
_cell.length_a   44.936
_cell.length_b   60.997
_cell.length_c   131.315
_cell.angle_alpha   90.00
_cell.angle_beta   90.00
_cell.angle_gamma   90.00
#
_symmetry.space_group_name_H-M   'P 21 21 21'
#
loop_
_entity.id
_entity.type
_entity.pdbx_description
1 polymer 'RAC-BETA SERINE/THREONINE PROTEIN KINASE'
2 polymer 'GLYCOGEN SYNTHASE KINASE-3 BETA'
3 non-polymer 'PHOSPHOAMINOPHOSPHONIC ACID-ADENYLATE ESTER'
4 non-polymer 'MANGANESE (II) ION'
5 water water
#
loop_
_entity_poly.entity_id
_entity_poly.type
_entity_poly.pdbx_seq_one_letter_code
_entity_poly.pdbx_strand_id
1 'polypeptide(L)'
;KVTMNDFDYLKLLGKGTFGKVILVREKATGRYYAMKILRKEVIIAKDEVAHTVTESRVLQNTRHPFLTALKYAFQTHDRL
CFVMEYANGGELFFHLSRERVFTEERARFYGAEIVSALEYLHSRDVVYRDIKLENLMLDKDGHIKITDFGLCKEGISDGA
TMK(TPO)FCGTPEYLAPEVLEDNDYGRAVDWWGLGVVMYEMMCGRLPFYNQDHERLFELILMEEIRFPRTLSPEAKSLL
AGLLKKDPKQRLGGGPSDAKEVMEHRFFLSINWQDVVQKKLLPPFKPQVTSEVDTRYFDDEFTAQSITITPPDRYDSLGL
LELDQREEQEMFEDFDYIADW
;
A
2 'polypeptide(L)' GRPRTTSFAE C
#
loop_
_chem_comp.id
_chem_comp.type
_chem_comp.name
_chem_comp.formula
ANP non-polymer 'PHOSPHOAMINOPHOSPHONIC ACID-ADENYLATE ESTER' 'C10 H17 N6 O12 P3'
MN non-polymer 'MANGANESE (II) ION' 'Mn 2'
#
# COMPACT_ATOMS: atom_id res chain seq x y z
N LYS A 1 4.33 -15.27 25.13
CA LYS A 1 5.47 -15.17 24.17
C LYS A 1 5.22 -16.04 22.95
N VAL A 2 5.37 -15.44 21.76
CA VAL A 2 5.17 -16.13 20.48
C VAL A 2 6.56 -16.42 19.89
N THR A 3 6.76 -17.67 19.47
CA THR A 3 8.02 -18.12 18.88
C THR A 3 7.89 -18.50 17.40
N MET A 4 9.06 -18.73 16.78
CA MET A 4 9.18 -19.10 15.37
C MET A 4 8.63 -20.51 15.12
N ASN A 5 8.77 -21.37 16.13
CA ASN A 5 8.32 -22.77 16.07
C ASN A 5 6.81 -23.00 16.22
N ASP A 6 6.05 -21.93 16.46
CA ASP A 6 4.59 -22.01 16.59
C ASP A 6 3.91 -22.02 15.20
N PHE A 7 4.72 -21.84 14.17
CA PHE A 7 4.24 -21.79 12.78
C PHE A 7 4.92 -22.76 11.82
N ASP A 8 4.15 -23.11 10.72
CA ASP A 8 4.62 -23.98 9.63
C ASP A 8 4.95 -22.99 8.51
N TYR A 9 6.11 -23.14 7.86
CA TYR A 9 6.51 -22.26 6.75
C TYR A 9 6.28 -22.98 5.43
N LEU A 10 5.25 -22.54 4.71
CA LEU A 10 4.83 -23.15 3.46
C LEU A 10 5.48 -22.63 2.17
N LYS A 11 5.20 -21.38 1.80
CA LYS A 11 5.78 -20.78 0.59
C LYS A 11 5.96 -19.27 0.61
N LEU A 12 6.91 -18.80 -0.20
CA LEU A 12 7.23 -17.38 -0.31
C LEU A 12 6.19 -16.65 -1.15
N LEU A 13 5.64 -15.57 -0.59
CA LEU A 13 4.63 -14.75 -1.26
C LEU A 13 5.27 -13.55 -1.92
N GLY A 14 6.26 -12.98 -1.24
CA GLY A 14 6.94 -11.80 -1.76
C GLY A 14 8.31 -11.62 -1.16
N LYS A 15 9.18 -10.95 -1.90
CA LYS A 15 10.56 -10.71 -1.48
C LYS A 15 11.00 -9.32 -1.91
N GLY A 16 11.67 -8.63 -1.00
CA GLY A 16 12.19 -7.31 -1.24
C GLY A 16 13.66 -7.29 -0.91
N THR A 17 14.26 -6.11 -0.99
CA THR A 17 15.67 -5.91 -0.70
C THR A 17 15.91 -5.93 0.82
N PHE A 18 14.87 -5.61 1.59
CA PHE A 18 14.96 -5.55 3.04
C PHE A 18 14.11 -6.59 3.80
N GLY A 19 13.37 -7.42 3.09
CA GLY A 19 12.55 -8.42 3.76
C GLY A 19 11.82 -9.44 2.91
N LYS A 20 11.35 -10.51 3.56
CA LYS A 20 10.62 -11.62 2.93
C LYS A 20 9.24 -11.80 3.58
N VAL A 21 8.23 -12.12 2.76
CA VAL A 21 6.88 -12.38 3.25
C VAL A 21 6.55 -13.83 2.89
N ILE A 22 6.31 -14.64 3.93
CA ILE A 22 6.05 -16.06 3.79
C ILE A 22 4.64 -16.46 4.27
N LEU A 23 4.01 -17.39 3.56
CA LEU A 23 2.68 -17.91 3.91
C LEU A 23 2.92 -18.92 5.04
N VAL A 24 2.33 -18.61 6.20
CA VAL A 24 2.48 -19.46 7.37
C VAL A 24 1.15 -20.02 7.87
N ARG A 25 1.24 -21.06 8.68
CA ARG A 25 0.07 -21.69 9.28
C ARG A 25 0.36 -21.82 10.77
N GLU A 26 -0.55 -21.31 11.61
CA GLU A 26 -0.38 -21.42 13.06
C GLU A 26 -0.78 -22.84 13.42
N LYS A 27 0.16 -23.57 14.04
CA LYS A 27 -0.03 -24.97 14.43
C LYS A 27 -1.22 -25.24 15.36
N ALA A 28 -1.41 -24.36 16.34
CA ALA A 28 -2.48 -24.49 17.33
C ALA A 28 -3.91 -24.23 16.85
N THR A 29 -4.04 -23.34 15.86
CA THR A 29 -5.35 -22.97 15.33
C THR A 29 -5.66 -23.48 13.92
N GLY A 30 -4.60 -23.72 13.14
CA GLY A 30 -4.77 -24.18 11.77
C GLY A 30 -5.05 -23.04 10.81
N ARG A 31 -5.02 -21.81 11.33
CA ARG A 31 -5.28 -20.59 10.56
C ARG A 31 -4.05 -20.11 9.80
N TYR A 32 -4.29 -19.59 8.60
CA TYR A 32 -3.23 -19.11 7.72
C TYR A 32 -3.00 -17.61 7.80
N TYR A 33 -1.73 -17.23 7.80
CA TYR A 33 -1.30 -15.83 7.90
C TYR A 33 -0.12 -15.55 6.97
N ALA A 34 0.20 -14.27 6.80
CA ALA A 34 1.35 -13.85 5.99
C ALA A 34 2.34 -13.27 6.98
N MET A 35 3.53 -13.87 7.06
CA MET A 35 4.56 -13.40 7.98
C MET A 35 5.67 -12.62 7.27
N LYS A 36 5.82 -11.35 7.65
CA LYS A 36 6.87 -10.50 7.10
C LYS A 36 8.06 -10.61 8.04
N ILE A 37 9.18 -11.11 7.50
CA ILE A 37 10.40 -11.32 8.26
C ILE A 37 11.48 -10.33 7.84
N LEU A 38 11.99 -9.60 8.81
CA LEU A 38 13.05 -8.60 8.60
C LEU A 38 14.26 -8.97 9.46
N ARG A 39 15.46 -8.75 8.92
CA ARG A 39 16.71 -9.04 9.64
C ARG A 39 17.19 -7.83 10.42
N LYS A 40 17.38 -8.01 11.73
CA LYS A 40 17.84 -6.94 12.64
C LYS A 40 19.15 -6.26 12.26
N GLU A 41 20.14 -7.04 11.83
CA GLU A 41 21.45 -6.53 11.44
C GLU A 41 21.44 -5.58 10.25
N VAL A 42 20.55 -5.85 9.28
CA VAL A 42 20.39 -5.04 8.06
C VAL A 42 19.71 -3.70 8.40
N ILE A 43 18.75 -3.76 9.31
CA ILE A 43 17.98 -2.59 9.75
C ILE A 43 18.82 -1.60 10.59
N ILE A 44 19.63 -2.13 11.51
CA ILE A 44 20.50 -1.33 12.37
C ILE A 44 21.62 -0.66 11.58
N ALA A 45 22.19 -1.41 10.62
CA ALA A 45 23.28 -0.93 9.76
C ALA A 45 22.86 0.20 8.81
N LYS A 46 21.61 0.15 8.35
CA LYS A 46 21.08 1.16 7.45
C LYS A 46 20.29 2.26 8.16
N ASP A 47 20.33 2.23 9.50
CA ASP A 47 19.68 3.19 10.41
C ASP A 47 18.17 3.36 10.16
N GLU A 48 17.50 2.23 9.99
CA GLU A 48 16.05 2.18 9.72
C GLU A 48 15.20 1.64 10.87
N VAL A 49 15.70 1.75 12.10
CA VAL A 49 15.00 1.28 13.31
C VAL A 49 13.70 2.06 13.56
N ALA A 50 13.76 3.38 13.42
CA ALA A 50 12.61 4.27 13.63
C ALA A 50 11.42 3.93 12.73
N HIS A 51 11.71 3.64 11.46
CA HIS A 51 10.68 3.29 10.49
C HIS A 51 10.07 1.91 10.72
N THR A 52 10.89 0.97 11.21
CA THR A 52 10.46 -0.40 11.50
C THR A 52 9.55 -0.44 12.73
N VAL A 53 9.86 0.39 13.73
CA VAL A 53 9.08 0.48 14.96
C VAL A 53 7.73 1.14 14.66
N THR A 54 7.75 2.14 13.76
CA THR A 54 6.55 2.86 13.33
C THR A 54 5.63 1.91 12.55
N GLU A 55 6.24 1.00 11.76
CA GLU A 55 5.49 0.01 10.98
C GLU A 55 4.69 -0.89 11.92
N SER A 56 5.33 -1.30 13.02
CA SER A 56 4.67 -2.13 14.02
C SER A 56 3.59 -1.37 14.76
N ARG A 57 3.90 -0.13 15.15
CA ARG A 57 2.97 0.75 15.87
C ARG A 57 1.70 1.07 15.10
N VAL A 58 1.84 1.31 13.79
CA VAL A 58 0.71 1.60 12.91
C VAL A 58 -0.17 0.36 12.77
N LEU A 59 0.47 -0.80 12.61
CA LEU A 59 -0.24 -2.08 12.48
C LEU A 59 -0.95 -2.47 13.78
N GLN A 60 -0.40 -2.03 14.92
CA GLN A 60 -0.98 -2.31 16.24
C GLN A 60 -2.18 -1.43 16.56
N ASN A 61 -2.08 -0.16 16.15
CA ASN A 61 -3.11 0.84 16.44
C ASN A 61 -4.12 1.17 15.34
N THR A 62 -4.20 0.34 14.30
CA THR A 62 -5.17 0.55 13.22
C THR A 62 -6.16 -0.60 13.09
N ARG A 63 -7.41 -0.24 12.81
CA ARG A 63 -8.49 -1.21 12.64
C ARG A 63 -9.45 -0.64 11.60
N HIS A 64 -9.39 -1.18 10.38
CA HIS A 64 -10.22 -0.74 9.26
C HIS A 64 -10.39 -1.93 8.30
N PRO A 65 -11.58 -2.08 7.68
CA PRO A 65 -11.78 -3.20 6.75
C PRO A 65 -10.85 -3.27 5.53
N PHE A 66 -10.26 -2.13 5.13
CA PHE A 66 -9.37 -2.12 3.97
C PHE A 66 -7.89 -2.00 4.29
N LEU A 67 -7.54 -2.23 5.55
CA LEU A 67 -6.16 -2.22 5.99
C LEU A 67 -5.87 -3.61 6.53
N THR A 68 -4.70 -4.15 6.17
CA THR A 68 -4.27 -5.47 6.63
C THR A 68 -4.08 -5.37 8.15
N ALA A 69 -4.72 -6.29 8.88
CA ALA A 69 -4.64 -6.31 10.33
C ALA A 69 -3.53 -7.22 10.82
N LEU A 70 -2.97 -6.84 11.98
CA LEU A 70 -1.87 -7.59 12.60
C LEU A 70 -2.37 -8.52 13.70
N LYS A 71 -1.97 -9.78 13.62
CA LYS A 71 -2.35 -10.79 14.60
C LYS A 71 -1.28 -10.80 15.70
N TYR A 72 -0.03 -11.03 15.31
CA TYR A 72 1.09 -11.05 16.26
C TYR A 72 2.28 -10.28 15.70
N ALA A 73 3.12 -9.80 16.61
CA ALA A 73 4.36 -9.11 16.28
C ALA A 73 5.33 -9.60 17.33
N PHE A 74 6.36 -10.32 16.89
CA PHE A 74 7.37 -10.86 17.80
C PHE A 74 8.78 -10.73 17.24
N GLN A 75 9.75 -11.03 18.09
CA GLN A 75 11.15 -10.95 17.70
C GLN A 75 12.00 -12.07 18.29
N THR A 76 13.08 -12.38 17.59
CA THR A 76 14.05 -13.39 18.01
C THR A 76 15.36 -12.63 18.24
N HIS A 77 16.49 -13.35 18.27
CA HIS A 77 17.80 -12.73 18.48
C HIS A 77 18.34 -11.99 17.24
N ASP A 78 17.87 -12.37 16.06
CA ASP A 78 18.31 -11.75 14.82
C ASP A 78 17.21 -11.36 13.82
N ARG A 79 15.96 -11.68 14.14
CA ARG A 79 14.83 -11.37 13.24
C ARG A 79 13.64 -10.64 13.89
N LEU A 80 12.91 -9.91 13.05
CA LEU A 80 11.71 -9.15 13.43
C LEU A 80 10.58 -9.71 12.58
N CYS A 81 9.51 -10.16 13.24
CA CYS A 81 8.38 -10.78 12.53
C CYS A 81 7.00 -10.15 12.72
N PHE A 82 6.31 -9.92 11.61
CA PHE A 82 4.95 -9.37 11.60
C PHE A 82 4.03 -10.48 11.08
N VAL A 83 3.11 -10.96 11.91
CA VAL A 83 2.16 -12.00 11.50
C VAL A 83 0.87 -11.25 11.16
N MET A 84 0.65 -11.05 9.86
CA MET A 84 -0.49 -10.31 9.32
C MET A 84 -1.56 -11.22 8.73
N GLU A 85 -2.76 -10.68 8.51
CA GLU A 85 -3.82 -11.45 7.89
C GLU A 85 -3.43 -11.62 6.41
N TYR A 86 -3.60 -12.85 5.92
CA TYR A 86 -3.25 -13.22 4.56
C TYR A 86 -4.25 -12.75 3.52
N ALA A 87 -3.74 -12.01 2.54
CA ALA A 87 -4.56 -11.51 1.44
C ALA A 87 -4.43 -12.51 0.29
N ASN A 88 -5.37 -13.47 0.26
CA ASN A 88 -5.43 -14.56 -0.73
C ASN A 88 -5.46 -14.15 -2.19
N GLY A 89 -6.02 -12.97 -2.46
CA GLY A 89 -6.16 -12.48 -3.82
C GLY A 89 -4.96 -11.87 -4.50
N GLY A 90 -3.82 -11.79 -3.83
CA GLY A 90 -2.62 -11.22 -4.43
C GLY A 90 -2.63 -9.72 -4.58
N GLU A 91 -1.60 -9.21 -5.26
CA GLU A 91 -1.44 -7.76 -5.50
C GLU A 91 -2.34 -7.29 -6.62
N LEU A 92 -2.70 -6.00 -6.57
CA LEU A 92 -3.50 -5.36 -7.61
C LEU A 92 -2.61 -5.31 -8.86
N PHE A 93 -1.29 -5.32 -8.63
CA PHE A 93 -0.26 -5.32 -9.67
C PHE A 93 -0.36 -6.59 -10.51
N PHE A 94 -0.62 -7.73 -9.87
CA PHE A 94 -0.76 -9.02 -10.55
C PHE A 94 -1.94 -9.01 -11.53
N HIS A 95 -3.09 -8.53 -11.05
CA HIS A 95 -4.33 -8.47 -11.82
C HIS A 95 -4.31 -7.47 -12.94
N LEU A 96 -3.74 -6.29 -12.67
CA LEU A 96 -3.63 -5.25 -13.68
C LEU A 96 -2.63 -5.61 -14.77
N SER A 97 -1.54 -6.29 -14.39
CA SER A 97 -0.52 -6.72 -15.36
C SER A 97 -1.10 -7.74 -16.33
N ARG A 98 -1.96 -8.62 -15.81
CA ARG A 98 -2.62 -9.67 -16.59
C ARG A 98 -3.70 -9.09 -17.51
N GLU A 99 -4.57 -8.25 -16.95
CA GLU A 99 -5.68 -7.65 -17.68
C GLU A 99 -5.37 -6.40 -18.50
N ARG A 100 -4.15 -5.86 -18.31
CA ARG A 100 -3.61 -4.65 -18.97
C ARG A 100 -4.26 -3.35 -18.49
N VAL A 101 -5.59 -3.36 -18.41
CA VAL A 101 -6.37 -2.20 -17.99
C VAL A 101 -7.69 -2.66 -17.34
N PHE A 102 -8.21 -1.83 -16.44
CA PHE A 102 -9.49 -2.10 -15.77
C PHE A 102 -10.50 -1.13 -16.36
N THR A 103 -11.78 -1.47 -16.25
CA THR A 103 -12.86 -0.59 -16.69
C THR A 103 -12.91 0.54 -15.66
N GLU A 104 -13.54 1.66 -16.01
CA GLU A 104 -13.65 2.80 -15.09
C GLU A 104 -14.44 2.45 -13.83
N GLU A 105 -15.43 1.55 -13.98
CA GLU A 105 -16.27 1.12 -12.87
C GLU A 105 -15.49 0.23 -11.90
N ARG A 106 -14.60 -0.60 -12.44
CA ARG A 106 -13.77 -1.49 -11.63
C ARG A 106 -12.72 -0.69 -10.88
N ALA A 107 -12.15 0.31 -11.55
CA ALA A 107 -11.15 1.20 -10.95
C ALA A 107 -11.80 2.07 -9.88
N ARG A 108 -13.06 2.43 -10.10
CA ARG A 108 -13.82 3.24 -9.14
C ARG A 108 -14.04 2.45 -7.84
N PHE A 109 -14.34 1.16 -7.97
CA PHE A 109 -14.55 0.29 -6.81
C PHE A 109 -13.29 0.25 -5.93
N TYR A 110 -12.15 -0.06 -6.55
CA TYR A 110 -10.87 -0.14 -5.82
C TYR A 110 -10.47 1.22 -5.28
N GLY A 111 -10.68 2.25 -6.10
CA GLY A 111 -10.36 3.62 -5.73
C GLY A 111 -11.14 4.08 -4.51
N ALA A 112 -12.42 3.73 -4.45
CA ALA A 112 -13.28 4.09 -3.31
C ALA A 112 -12.81 3.46 -2.01
N GLU A 113 -12.37 2.21 -2.10
CA GLU A 113 -11.88 1.48 -0.94
C GLU A 113 -10.53 2.02 -0.45
N ILE A 114 -9.68 2.47 -1.39
CA ILE A 114 -8.39 3.06 -1.04
C ILE A 114 -8.61 4.44 -0.38
N VAL A 115 -9.59 5.20 -0.89
CA VAL A 115 -9.92 6.52 -0.34
C VAL A 115 -10.43 6.35 1.09
N SER A 116 -11.27 5.33 1.32
CA SER A 116 -11.82 5.04 2.65
C SER A 116 -10.70 4.73 3.65
N ALA A 117 -9.74 3.93 3.20
CA ALA A 117 -8.59 3.54 4.02
C ALA A 117 -7.67 4.72 4.32
N LEU A 118 -7.43 5.58 3.33
CA LEU A 118 -6.58 6.75 3.49
C LEU A 118 -7.23 7.82 4.37
N GLU A 119 -8.55 7.93 4.30
CA GLU A 119 -9.33 8.87 5.13
C GLU A 119 -9.13 8.43 6.59
N TYR A 120 -9.23 7.11 6.82
CA TYR A 120 -9.07 6.55 8.16
C TYR A 120 -7.66 6.80 8.68
N LEU A 121 -6.65 6.50 7.86
CA LEU A 121 -5.24 6.71 8.25
C LEU A 121 -4.96 8.17 8.60
N HIS A 122 -5.48 9.10 7.78
CA HIS A 122 -5.29 10.53 8.00
C HIS A 122 -6.02 11.02 9.25
N SER A 123 -7.14 10.38 9.58
CA SER A 123 -7.92 10.73 10.78
C SER A 123 -7.20 10.25 12.05
N ARG A 124 -6.31 9.27 11.87
CA ARG A 124 -5.49 8.71 12.94
C ARG A 124 -4.10 9.35 12.96
N ASP A 125 -3.96 10.47 12.23
CA ASP A 125 -2.72 11.24 12.10
C ASP A 125 -1.55 10.47 11.45
N VAL A 126 -1.90 9.55 10.55
CA VAL A 126 -0.91 8.73 9.86
C VAL A 126 -0.89 9.03 8.36
N VAL A 127 0.29 9.25 7.81
CA VAL A 127 0.47 9.47 6.37
C VAL A 127 1.17 8.19 5.91
N TYR A 128 0.61 7.57 4.88
CA TYR A 128 1.09 6.30 4.36
C TYR A 128 2.40 6.33 3.53
N ARG A 129 2.52 7.32 2.64
CA ARG A 129 3.69 7.59 1.79
C ARG A 129 4.16 6.58 0.73
N ASP A 130 3.54 5.40 0.68
CA ASP A 130 3.96 4.38 -0.29
C ASP A 130 2.83 3.71 -1.09
N ILE A 131 1.82 4.49 -1.49
CA ILE A 131 0.71 3.93 -2.29
C ILE A 131 1.29 3.48 -3.62
N LYS A 132 1.12 2.19 -3.90
CA LYS A 132 1.56 1.54 -5.12
C LYS A 132 0.82 0.25 -5.34
N LEU A 133 0.78 -0.20 -6.59
CA LEU A 133 0.06 -1.43 -6.92
C LEU A 133 0.58 -2.69 -6.19
N GLU A 134 1.86 -2.70 -5.84
CA GLU A 134 2.47 -3.83 -5.13
C GLU A 134 2.08 -3.89 -3.65
N ASN A 135 1.61 -2.76 -3.13
CA ASN A 135 1.19 -2.63 -1.73
C ASN A 135 -0.32 -2.71 -1.54
N LEU A 136 -1.05 -2.83 -2.65
CA LEU A 136 -2.51 -2.91 -2.63
C LEU A 136 -2.91 -4.34 -2.96
N MET A 137 -3.39 -5.04 -1.95
CA MET A 137 -3.79 -6.43 -2.09
C MET A 137 -5.28 -6.62 -2.14
N LEU A 138 -5.69 -7.82 -2.53
CA LEU A 138 -7.10 -8.20 -2.55
C LEU A 138 -7.28 -9.36 -1.59
N ASP A 139 -8.32 -9.31 -0.76
CA ASP A 139 -8.60 -10.41 0.16
C ASP A 139 -9.37 -11.51 -0.58
N LYS A 140 -9.76 -12.57 0.13
CA LYS A 140 -10.49 -13.70 -0.47
C LYS A 140 -11.84 -13.33 -1.11
N ASP A 141 -12.41 -12.21 -0.68
CA ASP A 141 -13.69 -11.73 -1.19
C ASP A 141 -13.56 -10.73 -2.35
N GLY A 142 -12.35 -10.19 -2.53
CA GLY A 142 -12.10 -9.23 -3.58
C GLY A 142 -12.03 -7.79 -3.15
N HIS A 143 -11.98 -7.56 -1.84
CA HIS A 143 -11.88 -6.22 -1.28
C HIS A 143 -10.42 -5.84 -1.12
N ILE A 144 -10.13 -4.55 -1.16
CA ILE A 144 -8.78 -4.02 -0.99
C ILE A 144 -8.26 -4.23 0.44
N LYS A 145 -6.98 -4.56 0.53
CA LYS A 145 -6.28 -4.71 1.79
C LYS A 145 -4.94 -4.02 1.57
N ILE A 146 -4.78 -2.84 2.17
CA ILE A 146 -3.51 -2.11 2.04
C ILE A 146 -2.52 -2.80 2.98
N THR A 147 -1.34 -3.13 2.45
CA THR A 147 -0.30 -3.75 3.24
C THR A 147 0.93 -2.85 3.18
N ASP A 148 2.02 -3.28 3.83
CA ASP A 148 3.30 -2.54 3.87
C ASP A 148 3.19 -1.12 4.45
N PHE A 149 3.24 -1.06 5.78
CA PHE A 149 3.16 0.21 6.49
C PHE A 149 4.58 0.67 6.89
N GLY A 150 5.56 0.20 6.14
CA GLY A 150 6.97 0.48 6.36
C GLY A 150 7.49 1.90 6.25
N LEU A 151 6.74 2.76 5.56
CA LEU A 151 7.15 4.15 5.40
C LEU A 151 6.15 5.14 5.99
N CYS A 152 5.26 4.64 6.84
CA CYS A 152 4.25 5.47 7.50
C CYS A 152 4.88 6.44 8.50
N LYS A 153 4.22 7.58 8.69
CA LYS A 153 4.68 8.58 9.64
C LYS A 153 3.49 8.89 10.56
N GLU A 154 3.72 8.79 11.86
CA GLU A 154 2.70 9.08 12.87
C GLU A 154 2.75 10.53 13.33
N GLY A 155 1.70 10.95 14.03
CA GLY A 155 1.61 12.30 14.57
C GLY A 155 1.49 13.45 13.58
N ILE A 156 0.96 13.16 12.39
CA ILE A 156 0.79 14.16 11.35
C ILE A 156 -0.67 14.58 11.24
N SER A 157 -1.05 15.57 12.05
CA SER A 157 -2.41 16.09 12.07
C SER A 157 -2.55 17.34 11.23
N ASP A 158 -3.73 17.50 10.63
CA ASP A 158 -4.09 18.65 9.78
C ASP A 158 -3.03 19.00 8.72
N GLY A 159 -2.34 20.13 8.89
CA GLY A 159 -1.32 20.56 7.95
C GLY A 159 0.11 20.32 8.38
N ALA A 160 0.33 19.37 9.30
CA ALA A 160 1.68 19.04 9.79
C ALA A 160 2.55 18.47 8.67
N THR A 161 3.85 18.69 8.78
CA THR A 161 4.79 18.25 7.75
C THR A 161 5.81 17.18 8.12
N MET A 162 6.40 16.57 7.07
CA MET A 162 7.41 15.50 7.17
C MET A 162 8.63 15.90 6.32
N LYS A 163 9.82 15.40 6.69
CA LYS A 163 11.06 15.73 5.98
C LYS A 163 11.82 14.60 5.31
N TPO A 164 11.48 13.34 5.65
CA TPO A 164 12.18 12.18 5.09
CB TPO A 164 11.76 10.89 5.82
CG2 TPO A 164 12.65 9.70 5.40
OG1 TPO A 164 11.87 11.05 7.24
P TPO A 164 10.78 10.83 8.07
O1P TPO A 164 10.34 9.40 8.12
O2P TPO A 164 9.80 11.86 7.60
O3P TPO A 164 11.41 11.11 9.48
C TPO A 164 11.98 12.00 3.57
O TPO A 164 10.85 11.96 3.10
N PHE A 165 13.08 11.90 2.83
CA PHE A 165 13.03 11.68 1.38
C PHE A 165 12.84 10.16 1.24
N CYS A 166 11.58 9.76 1.03
CA CYS A 166 11.24 8.35 0.91
C CYS A 166 10.00 8.10 0.05
N GLY A 167 9.76 6.83 -0.25
CA GLY A 167 8.63 6.42 -1.07
C GLY A 167 9.15 5.44 -2.11
N THR A 168 8.46 5.36 -3.24
CA THR A 168 8.88 4.49 -4.35
C THR A 168 9.08 5.48 -5.51
N PRO A 169 10.26 5.46 -6.18
CA PRO A 169 10.59 6.35 -7.29
C PRO A 169 9.52 6.76 -8.30
N GLU A 170 8.86 5.76 -8.89
CA GLU A 170 7.82 5.98 -9.89
C GLU A 170 6.53 6.62 -9.38
N TYR A 171 6.37 6.59 -8.06
CA TYR A 171 5.18 7.10 -7.37
C TYR A 171 5.39 8.38 -6.57
N LEU A 172 6.62 8.89 -6.52
CA LEU A 172 6.92 10.10 -5.76
C LEU A 172 6.19 11.34 -6.24
N ALA A 173 5.68 12.10 -5.28
CA ALA A 173 4.98 13.36 -5.54
C ALA A 173 6.04 14.42 -5.86
N PRO A 174 5.71 15.41 -6.74
CA PRO A 174 6.65 16.46 -7.12
C PRO A 174 7.28 17.21 -5.94
N GLU A 175 6.47 17.47 -4.91
CA GLU A 175 6.95 18.18 -3.71
C GLU A 175 8.01 17.39 -2.92
N VAL A 176 7.95 16.05 -3.02
CA VAL A 176 8.92 15.17 -2.35
C VAL A 176 10.26 15.25 -3.09
N LEU A 177 10.21 15.62 -4.37
CA LEU A 177 11.40 15.76 -5.19
C LEU A 177 12.02 17.15 -5.11
N GLU A 178 11.48 17.94 -4.18
CA GLU A 178 11.95 19.28 -3.90
C GLU A 178 12.53 19.28 -2.49
N ASP A 179 13.34 20.28 -2.17
CA ASP A 179 13.95 20.39 -0.84
C ASP A 179 12.91 20.73 0.23
N ASN A 180 13.32 20.54 1.48
CA ASN A 180 12.53 20.81 2.69
C ASN A 180 11.38 19.83 2.94
N ASP A 181 10.29 20.34 3.51
CA ASP A 181 9.15 19.52 3.92
C ASP A 181 7.92 19.38 3.01
N TYR A 182 7.08 18.40 3.34
CA TYR A 182 5.85 18.11 2.60
C TYR A 182 4.74 17.64 3.54
N GLY A 183 3.49 17.80 3.09
CA GLY A 183 2.32 17.41 3.87
C GLY A 183 1.68 16.10 3.45
N ARG A 184 0.52 15.82 4.03
CA ARG A 184 -0.26 14.59 3.80
C ARG A 184 -0.81 14.37 2.39
N ALA A 185 -0.79 15.43 1.57
CA ALA A 185 -1.29 15.39 0.20
C ALA A 185 -0.53 14.43 -0.71
N VAL A 186 0.63 13.95 -0.24
CA VAL A 186 1.44 13.00 -1.02
C VAL A 186 0.69 11.67 -1.26
N ASP A 187 -0.21 11.33 -0.34
CA ASP A 187 -1.01 10.11 -0.45
C ASP A 187 -2.05 10.21 -1.58
N TRP A 188 -2.52 11.43 -1.85
CA TRP A 188 -3.49 11.66 -2.92
C TRP A 188 -2.85 11.60 -4.28
N TRP A 189 -1.57 11.97 -4.34
CA TRP A 189 -0.80 11.88 -5.59
C TRP A 189 -0.65 10.38 -5.88
N GLY A 190 -0.27 9.62 -4.84
CA GLY A 190 -0.09 8.17 -4.95
C GLY A 190 -1.36 7.50 -5.46
N LEU A 191 -2.50 7.93 -4.93
CA LEU A 191 -3.80 7.41 -5.35
C LEU A 191 -4.01 7.74 -6.84
N GLY A 192 -3.59 8.94 -7.22
CA GLY A 192 -3.69 9.37 -8.61
C GLY A 192 -2.90 8.51 -9.57
N VAL A 193 -1.70 8.11 -9.15
CA VAL A 193 -0.83 7.26 -9.97
C VAL A 193 -1.46 5.86 -10.15
N VAL A 194 -1.98 5.27 -9.06
CA VAL A 194 -2.62 3.96 -9.17
C VAL A 194 -3.92 4.00 -9.97
N MET A 195 -4.68 5.09 -9.84
CA MET A 195 -5.93 5.25 -10.59
C MET A 195 -5.63 5.43 -12.08
N TYR A 196 -4.51 6.12 -12.38
CA TYR A 196 -4.05 6.33 -13.75
C TYR A 196 -3.66 4.99 -14.33
N GLU A 197 -2.89 4.20 -13.57
CA GLU A 197 -2.47 2.88 -14.03
C GLU A 197 -3.65 1.96 -14.30
N MET A 198 -4.66 2.02 -13.43
CA MET A 198 -5.85 1.19 -13.58
C MET A 198 -6.72 1.56 -14.78
N MET A 199 -6.82 2.85 -15.07
CA MET A 199 -7.66 3.31 -16.18
C MET A 199 -6.97 3.56 -17.50
N CYS A 200 -5.66 3.78 -17.49
CA CYS A 200 -4.92 4.06 -18.71
C CYS A 200 -3.91 2.98 -19.12
N GLY A 201 -3.73 1.97 -18.27
CA GLY A 201 -2.83 0.87 -18.59
C GLY A 201 -1.33 1.08 -18.54
N ARG A 202 -0.89 2.18 -17.94
CA ARG A 202 0.54 2.50 -17.80
C ARG A 202 0.71 3.56 -16.71
N LEU A 203 1.96 3.75 -16.29
CA LEU A 203 2.32 4.78 -15.31
C LEU A 203 2.21 6.12 -16.04
N PRO A 204 1.85 7.21 -15.33
CA PRO A 204 1.76 8.52 -15.99
C PRO A 204 3.11 9.03 -16.48
N PHE A 205 4.17 8.65 -15.75
CA PHE A 205 5.54 9.04 -16.07
C PHE A 205 6.45 7.83 -15.88
N TYR A 206 7.30 7.57 -16.87
CA TYR A 206 8.25 6.45 -16.77
C TYR A 206 9.54 6.60 -17.57
N ASN A 207 10.61 6.13 -16.95
CA ASN A 207 11.97 6.04 -17.50
C ASN A 207 12.74 5.16 -16.52
N GLN A 208 13.57 4.26 -17.07
CA GLN A 208 14.38 3.32 -16.27
C GLN A 208 15.43 4.00 -15.39
N ASP A 209 15.88 5.17 -15.84
CA ASP A 209 16.88 5.96 -15.12
C ASP A 209 16.11 6.91 -14.19
N HIS A 210 16.42 6.84 -12.90
CA HIS A 210 15.78 7.66 -11.86
C HIS A 210 15.89 9.17 -12.05
N GLU A 211 17.02 9.63 -12.58
CA GLU A 211 17.24 11.07 -12.83
C GLU A 211 16.27 11.60 -13.88
N ARG A 212 16.06 10.83 -14.94
CA ARG A 212 15.15 11.21 -16.02
C ARG A 212 13.69 11.09 -15.56
N LEU A 213 13.41 10.07 -14.73
CA LEU A 213 12.08 9.84 -14.18
C LEU A 213 11.63 11.01 -13.28
N PHE A 214 12.55 11.48 -12.45
CA PHE A 214 12.28 12.60 -11.53
C PHE A 214 12.01 13.90 -12.27
N GLU A 215 12.67 14.08 -13.41
CA GLU A 215 12.48 15.25 -14.27
C GLU A 215 11.07 15.19 -14.88
N LEU A 216 10.61 13.98 -15.23
CA LEU A 216 9.27 13.81 -15.81
C LEU A 216 8.18 14.12 -14.78
N ILE A 217 8.36 13.60 -13.56
CA ILE A 217 7.40 13.83 -12.48
C ILE A 217 7.29 15.34 -12.15
N LEU A 218 8.41 16.04 -12.18
CA LEU A 218 8.43 17.47 -11.89
C LEU A 218 8.04 18.40 -13.04
N MET A 219 8.44 18.04 -14.26
CA MET A 219 8.22 18.89 -15.46
C MET A 219 7.21 18.49 -16.53
N GLU A 220 6.99 17.20 -16.74
CA GLU A 220 6.09 16.73 -17.80
C GLU A 220 4.61 16.77 -17.47
N GLU A 221 3.80 17.12 -18.46
CA GLU A 221 2.35 17.15 -18.28
C GLU A 221 1.75 15.80 -18.66
N ILE A 222 0.78 15.38 -17.85
CA ILE A 222 0.09 14.11 -18.07
C ILE A 222 -0.79 14.11 -19.31
N ARG A 223 -0.86 12.95 -19.95
CA ARG A 223 -1.67 12.78 -21.14
C ARG A 223 -2.80 11.80 -20.81
N PHE A 224 -3.90 11.91 -21.53
CA PHE A 224 -5.05 11.05 -21.30
C PHE A 224 -5.55 10.43 -22.60
N PRO A 225 -6.00 9.15 -22.56
CA PRO A 225 -6.53 8.51 -23.78
C PRO A 225 -7.80 9.30 -24.15
N ARG A 226 -8.01 9.55 -25.45
CA ARG A 226 -9.17 10.32 -25.93
C ARG A 226 -10.53 9.82 -25.44
N THR A 227 -10.62 8.50 -25.31
CA THR A 227 -11.83 7.79 -24.90
C THR A 227 -12.16 7.77 -23.41
N LEU A 228 -11.23 8.25 -22.58
CA LEU A 228 -11.43 8.29 -21.14
C LEU A 228 -12.55 9.30 -20.86
N SER A 229 -13.47 8.94 -19.96
CA SER A 229 -14.61 9.80 -19.62
C SER A 229 -14.16 11.15 -19.05
N PRO A 230 -14.97 12.22 -19.24
CA PRO A 230 -14.56 13.53 -18.70
C PRO A 230 -14.38 13.55 -17.17
N GLU A 231 -15.17 12.73 -16.46
CA GLU A 231 -15.07 12.65 -14.99
C GLU A 231 -13.79 11.94 -14.54
N ALA A 232 -13.31 11.00 -15.36
CA ALA A 232 -12.07 10.28 -15.06
C ALA A 232 -10.86 11.16 -15.37
N LYS A 233 -10.95 11.93 -16.45
CA LYS A 233 -9.90 12.87 -16.85
C LYS A 233 -9.74 13.96 -15.79
N SER A 234 -10.88 14.39 -15.23
CA SER A 234 -10.93 15.41 -14.18
C SER A 234 -10.36 14.90 -12.86
N LEU A 235 -10.66 13.65 -12.52
CA LEU A 235 -10.15 13.03 -11.29
C LEU A 235 -8.64 12.89 -11.35
N LEU A 236 -8.15 12.34 -12.45
CA LEU A 236 -6.72 12.14 -12.65
C LEU A 236 -5.94 13.46 -12.70
N ALA A 237 -6.50 14.47 -13.38
CA ALA A 237 -5.86 15.79 -13.47
C ALA A 237 -5.82 16.45 -12.09
N GLY A 238 -6.85 16.18 -11.29
CA GLY A 238 -6.95 16.72 -9.94
C GLY A 238 -6.01 16.05 -8.96
N LEU A 239 -5.97 14.71 -8.97
CA LEU A 239 -5.10 13.95 -8.07
C LEU A 239 -3.63 14.08 -8.47
N LEU A 240 -3.40 14.26 -9.76
CA LEU A 240 -2.04 14.41 -10.28
C LEU A 240 -1.61 15.86 -10.54
N LYS A 241 -2.20 16.78 -9.80
CA LYS A 241 -1.84 18.20 -9.90
C LYS A 241 -0.51 18.28 -9.15
N LYS A 242 0.50 18.86 -9.79
CA LYS A 242 1.84 18.98 -9.22
C LYS A 242 1.96 19.75 -7.92
N ASP A 243 1.20 20.83 -7.81
CA ASP A 243 1.18 21.67 -6.61
C ASP A 243 0.24 20.99 -5.61
N PRO A 244 0.76 20.57 -4.43
CA PRO A 244 -0.09 19.91 -3.43
C PRO A 244 -1.24 20.77 -2.91
N LYS A 245 -1.08 22.09 -2.96
CA LYS A 245 -2.12 23.02 -2.50
C LYS A 245 -3.29 23.13 -3.50
N GLN A 246 -3.01 22.79 -4.77
CA GLN A 246 -4.01 22.83 -5.84
C GLN A 246 -4.58 21.43 -6.13
N ARG A 247 -3.95 20.42 -5.52
CA ARG A 247 -4.34 19.01 -5.70
C ARG A 247 -5.66 18.65 -5.03
N LEU A 248 -6.37 17.69 -5.63
CA LEU A 248 -7.63 17.18 -5.10
C LEU A 248 -7.25 16.38 -3.85
N GLY A 249 -7.70 16.86 -2.70
CA GLY A 249 -7.37 16.25 -1.43
C GLY A 249 -6.25 17.01 -0.73
N GLY A 250 -5.70 18.00 -1.44
CA GLY A 250 -4.62 18.81 -0.92
C GLY A 250 -5.05 20.00 -0.08
N GLY A 251 -6.36 20.26 -0.08
CA GLY A 251 -6.92 21.35 0.69
C GLY A 251 -7.12 20.94 2.14
N PRO A 252 -7.60 21.86 3.02
CA PRO A 252 -7.84 21.57 4.44
C PRO A 252 -8.81 20.44 4.77
N SER A 253 -9.76 20.17 3.87
CA SER A 253 -10.75 19.12 4.09
C SER A 253 -10.27 17.72 3.72
N ASP A 254 -9.05 17.63 3.20
CA ASP A 254 -8.38 16.36 2.85
C ASP A 254 -9.22 15.38 1.99
N ALA A 255 -9.58 14.23 2.55
CA ALA A 255 -10.36 13.21 1.86
C ALA A 255 -11.72 13.60 1.33
N LYS A 256 -12.35 14.58 1.98
CA LYS A 256 -13.67 15.07 1.58
C LYS A 256 -13.66 15.57 0.13
N GLU A 257 -12.57 16.24 -0.27
CA GLU A 257 -12.45 16.75 -1.64
C GLU A 257 -12.44 15.63 -2.67
N VAL A 258 -11.78 14.52 -2.34
CA VAL A 258 -11.70 13.36 -3.23
C VAL A 258 -13.04 12.63 -3.25
N MET A 259 -13.64 12.48 -2.07
CA MET A 259 -14.93 11.80 -1.93
C MET A 259 -16.07 12.49 -2.66
N GLU A 260 -16.02 13.83 -2.69
CA GLU A 260 -17.05 14.63 -3.34
C GLU A 260 -16.84 14.93 -4.81
N HIS A 261 -15.77 14.39 -5.39
CA HIS A 261 -15.49 14.60 -6.82
C HIS A 261 -16.53 13.83 -7.65
N ARG A 262 -16.96 14.44 -8.77
CA ARG A 262 -17.98 13.86 -9.67
C ARG A 262 -17.74 12.42 -10.16
N PHE A 263 -16.47 12.00 -10.17
CA PHE A 263 -16.11 10.64 -10.57
C PHE A 263 -16.72 9.63 -9.58
N PHE A 264 -16.82 10.04 -8.32
CA PHE A 264 -17.37 9.20 -7.26
C PHE A 264 -18.83 9.50 -6.90
N LEU A 265 -19.56 10.14 -7.80
CA LEU A 265 -20.98 10.50 -7.58
C LEU A 265 -21.90 9.31 -7.25
N SER A 266 -21.62 8.16 -7.87
CA SER A 266 -22.39 6.93 -7.67
C SER A 266 -22.06 6.17 -6.38
N ILE A 267 -21.03 6.64 -5.68
CA ILE A 267 -20.57 6.01 -4.45
C ILE A 267 -21.22 6.52 -3.16
N ASN A 268 -21.71 5.57 -2.37
CA ASN A 268 -22.30 5.84 -1.06
C ASN A 268 -21.14 5.41 -0.16
N TRP A 269 -20.53 6.38 0.52
CA TRP A 269 -19.36 6.14 1.38
C TRP A 269 -19.53 5.28 2.61
N GLN A 270 -20.76 5.19 3.11
CA GLN A 270 -21.03 4.33 4.25
C GLN A 270 -21.14 2.87 3.79
N ASP A 271 -21.63 2.68 2.56
CA ASP A 271 -21.75 1.35 1.95
C ASP A 271 -20.36 0.77 1.67
N VAL A 272 -19.41 1.66 1.36
CA VAL A 272 -18.02 1.28 1.08
C VAL A 272 -17.36 0.70 2.33
N VAL A 273 -17.32 1.48 3.41
CA VAL A 273 -16.69 1.07 4.67
C VAL A 273 -17.39 -0.12 5.36
N GLN A 274 -18.68 -0.28 5.10
CA GLN A 274 -19.45 -1.39 5.68
C GLN A 274 -19.44 -2.65 4.81
N LYS A 275 -18.66 -2.63 3.73
CA LYS A 275 -18.50 -3.75 2.77
C LYS A 275 -19.81 -4.24 2.12
N LYS A 276 -20.74 -3.33 1.89
CA LYS A 276 -22.04 -3.65 1.31
C LYS A 276 -22.05 -3.84 -0.21
N LEU A 277 -21.03 -3.28 -0.87
CA LEU A 277 -20.93 -3.37 -2.33
C LEU A 277 -20.31 -4.68 -2.82
N LEU A 278 -20.82 -5.17 -3.94
CA LEU A 278 -20.36 -6.42 -4.58
C LEU A 278 -19.05 -6.22 -5.35
N PRO A 279 -17.97 -6.98 -4.98
CA PRO A 279 -16.67 -6.88 -5.66
C PRO A 279 -16.76 -7.28 -7.14
N PRO A 280 -16.10 -6.52 -8.04
CA PRO A 280 -16.10 -6.81 -9.49
C PRO A 280 -15.32 -8.06 -9.87
N PHE A 281 -14.58 -8.58 -8.90
CA PHE A 281 -13.77 -9.78 -9.08
C PHE A 281 -13.61 -10.47 -7.73
N LYS A 282 -13.91 -11.77 -7.71
CA LYS A 282 -13.73 -12.56 -6.50
C LYS A 282 -12.64 -13.58 -6.83
N PRO A 283 -11.55 -13.60 -6.01
CA PRO A 283 -10.44 -14.53 -6.20
C PRO A 283 -10.92 -15.98 -6.21
N GLN A 284 -10.54 -16.71 -7.25
CA GLN A 284 -10.94 -18.11 -7.43
C GLN A 284 -10.01 -19.13 -6.76
N VAL A 285 -9.70 -18.89 -5.48
CA VAL A 285 -8.85 -19.78 -4.71
C VAL A 285 -9.64 -20.99 -4.21
N THR A 286 -9.07 -22.18 -4.38
CA THR A 286 -9.71 -23.44 -3.99
C THR A 286 -9.36 -23.91 -2.58
N SER A 287 -8.32 -23.31 -2.01
CA SER A 287 -7.85 -23.61 -0.66
C SER A 287 -7.14 -22.38 -0.11
N GLU A 288 -6.81 -22.41 1.19
CA GLU A 288 -6.12 -21.30 1.84
C GLU A 288 -4.61 -21.30 1.56
N VAL A 289 -4.14 -22.35 0.88
CA VAL A 289 -2.75 -22.52 0.52
C VAL A 289 -2.54 -22.25 -1.00
N ASP A 290 -3.64 -21.95 -1.70
CA ASP A 290 -3.63 -21.67 -3.13
C ASP A 290 -3.04 -20.28 -3.38
N THR A 291 -1.86 -20.23 -4.00
CA THR A 291 -1.15 -18.99 -4.28
C THR A 291 -1.10 -18.63 -5.77
N ARG A 292 -2.17 -18.96 -6.51
CA ARG A 292 -2.26 -18.69 -7.95
C ARG A 292 -2.22 -17.21 -8.33
N TYR A 293 -2.46 -16.34 -7.36
CA TYR A 293 -2.45 -14.90 -7.59
C TYR A 293 -1.18 -14.19 -7.19
N PHE A 294 -0.14 -14.99 -6.96
CA PHE A 294 1.19 -14.49 -6.61
C PHE A 294 2.11 -14.97 -7.71
N ASP A 295 3.09 -14.13 -8.07
CA ASP A 295 4.05 -14.45 -9.13
C ASP A 295 4.90 -15.68 -8.85
N ASP A 296 5.10 -16.48 -9.90
CA ASP A 296 5.91 -17.71 -9.86
C ASP A 296 7.36 -17.46 -9.47
N GLU A 297 7.82 -16.23 -9.69
CA GLU A 297 9.19 -15.79 -9.37
C GLU A 297 9.44 -15.92 -7.86
N PHE A 298 8.37 -15.76 -7.07
CA PHE A 298 8.43 -15.85 -5.62
C PHE A 298 8.00 -17.19 -5.03
N THR A 299 6.85 -17.70 -5.48
CA THR A 299 6.30 -18.97 -4.98
C THR A 299 7.09 -20.25 -5.26
N ALA A 300 7.93 -20.21 -6.29
CA ALA A 300 8.75 -21.36 -6.69
C ALA A 300 10.08 -21.44 -5.92
N GLN A 301 10.43 -20.35 -5.21
CA GLN A 301 11.66 -20.27 -4.43
C GLN A 301 11.61 -21.10 -3.16
N SER A 302 12.75 -21.72 -2.83
CA SER A 302 12.87 -22.55 -1.64
C SER A 302 13.18 -21.72 -0.40
N ILE A 303 12.55 -22.08 0.71
CA ILE A 303 12.73 -21.40 2.00
C ILE A 303 13.36 -22.34 3.03
N THR A 304 14.70 -22.27 3.12
CA THR A 304 15.47 -23.09 4.04
C THR A 304 15.76 -22.37 5.36
N GLN A 325 15.36 -5.62 25.33
CA GLN A 325 15.94 -5.21 24.06
C GLN A 325 16.18 -3.69 24.02
N GLU A 326 15.24 -2.93 24.58
CA GLU A 326 15.25 -1.45 24.67
C GLU A 326 15.12 -0.68 23.36
N MET A 327 15.75 -1.21 22.30
CA MET A 327 15.74 -0.61 20.97
C MET A 327 14.43 -0.94 20.23
N PHE A 328 13.98 -2.19 20.38
CA PHE A 328 12.73 -2.67 19.77
C PHE A 328 11.73 -2.98 20.89
N GLU A 329 11.54 -1.99 21.78
CA GLU A 329 10.63 -2.09 22.92
C GLU A 329 9.14 -2.00 22.58
N ASP A 330 8.81 -1.15 21.62
CA ASP A 330 7.42 -0.94 21.18
C ASP A 330 7.06 -1.83 19.98
N PHE A 331 7.82 -2.91 19.79
CA PHE A 331 7.59 -3.84 18.68
C PHE A 331 6.56 -4.94 18.94
N ASP A 332 6.75 -5.69 20.03
CA ASP A 332 5.88 -6.82 20.42
C ASP A 332 4.39 -6.53 20.58
N TYR A 333 3.56 -7.48 20.13
CA TYR A 333 2.10 -7.36 20.16
C TYR A 333 1.37 -8.71 20.00
N ILE A 334 0.23 -8.82 20.68
CA ILE A 334 -0.68 -9.97 20.63
C ILE A 334 -2.07 -9.32 20.48
N ALA A 335 -2.80 -9.70 19.43
CA ALA A 335 -4.13 -9.15 19.15
C ALA A 335 -5.27 -9.55 20.07
N ASP A 336 -6.27 -8.66 20.14
CA ASP A 336 -7.46 -8.84 20.96
C ASP A 336 -8.54 -9.68 20.25
N TRP A 337 -8.37 -9.84 18.94
CA TRP A 337 -9.30 -10.62 18.11
C TRP A 337 -8.74 -12.01 17.80
N GLY B 1 4.58 -2.93 -20.03
CA GLY B 1 4.91 -4.09 -19.16
C GLY B 1 5.11 -3.69 -17.70
N ARG B 2 5.99 -2.71 -17.48
CA ARG B 2 6.35 -2.15 -16.17
C ARG B 2 6.92 -3.16 -15.14
N PRO B 3 8.23 -3.05 -14.83
CA PRO B 3 8.83 -3.98 -13.85
C PRO B 3 8.43 -3.63 -12.41
N ARG B 4 8.71 -4.54 -11.47
CA ARG B 4 8.41 -4.34 -10.05
C ARG B 4 9.16 -3.14 -9.50
N THR B 5 8.48 -2.38 -8.66
CA THR B 5 9.05 -1.18 -8.06
C THR B 5 9.34 -1.37 -6.57
N THR B 6 10.49 -0.90 -6.13
CA THR B 6 10.94 -1.02 -4.74
C THR B 6 11.00 0.34 -4.05
N SER B 7 10.74 0.36 -2.75
CA SER B 7 10.79 1.59 -1.98
C SER B 7 12.21 1.92 -1.52
N PHE B 8 12.38 3.15 -1.04
CA PHE B 8 13.67 3.63 -0.53
C PHE B 8 13.42 4.61 0.62
N ALA B 9 14.49 4.91 1.35
CA ALA B 9 14.49 5.85 2.46
C ALA B 9 15.91 6.37 2.59
N GLU B 10 16.06 7.69 2.50
CA GLU B 10 17.36 8.35 2.62
C GLU B 10 17.83 8.38 4.07
PG ANP C . 8.80 -2.23 -0.48
O1G ANP C . 9.05 -1.34 0.73
O2G ANP C . 7.54 -1.97 -1.22
O3G ANP C . 9.95 -2.25 -1.39
PB ANP C . 8.68 -4.32 1.64
O1B ANP C . 10.03 -4.82 1.80
O2B ANP C . 8.24 -3.29 2.59
N3B ANP C . 8.53 -3.76 0.08
PA ANP C . 6.09 -5.61 1.67
O1A ANP C . 5.49 -5.51 3.01
O2A ANP C . 5.62 -4.68 0.61
O3A ANP C . 7.70 -5.59 1.76
O5' ANP C . 5.87 -7.14 1.19
C5' ANP C . 6.37 -7.56 -0.09
C4' ANP C . 5.30 -8.30 -0.85
O4' ANP C . 4.75 -9.37 -0.04
C3' ANP C . 4.11 -7.43 -1.21
O3' ANP C . 4.33 -6.59 -2.34
C2' ANP C . 3.02 -8.46 -1.35
O2' ANP C . 3.07 -9.06 -2.66
C1' ANP C . 3.34 -9.50 -0.29
N9 ANP C . 2.56 -9.26 0.94
C8 ANP C . 2.76 -8.30 1.92
N7 ANP C . 1.89 -8.33 2.88
C5 ANP C . 1.05 -9.37 2.53
C6 ANP C . -0.10 -9.92 3.15
N6 ANP C . -0.58 -9.43 4.29
N1 ANP C . -0.73 -10.97 2.52
C2 ANP C . -0.24 -11.44 1.36
N3 ANP C . 0.84 -11.01 0.68
C4 ANP C . 1.45 -9.95 1.33
MN MN D . 5.85 -2.99 -0.54
MN MN E . 7.82 -1.19 2.40
#